data_2OR1
#
_entry.id   2OR1
#
_cell.length_a   148.300
_cell.length_b   65.000
_cell.length_c   27.700
_cell.angle_alpha   90.00
_cell.angle_beta   90.00
_cell.angle_gamma   90.00
#
_symmetry.space_group_name_H-M   'P 21 21 21'
#
loop_
_entity.id
_entity.type
_entity.pdbx_description
1 polymer "DNA (5'-D(*AP*AP*GP*TP*AP*CP*AP*AP*AP*CP*TP*TP*TP*CP*TP*TP*G P*TP*AP*T)-3')"
2 polymer "DNA (5'-D(*TP*AP*TP*AP*CP*AP*AP*GP*AP*AP*AP*GP*TP*TP*TP*GP*T P*AP*CP*T)-3')"
3 polymer '434 REPRESSOR'
4 water water
#
loop_
_entity_poly.entity_id
_entity_poly.type
_entity_poly.pdbx_seq_one_letter_code
_entity_poly.pdbx_strand_id
1 'polydeoxyribonucleotide' (DA)(DA)(DG)(DT)(DA)(DC)(DA)(DA)(DA)(DC)(DT)(DT)(DT)(DC)(DT)(DT)(DG)(DT)(DA)(DT) A
2 'polydeoxyribonucleotide' (DT)(DA)(DT)(DA)(DC)(DA)(DA)(DG)(DA)(DA)(DA)(DG)(DT)(DT)(DT)(DG)(DT)(DA)(DC)(DT) B
3 'polypeptide(L)' SISSRVKSKRIQLGLNQAELAQKVGTTQQSIEQLENGKTKRPRFLPELASALGVSVDWLLNGTSDSNVR L,R
#
# COMPACT_ATOMS: atom_id res chain seq x y z
N SER C 1 7.36 13.73 -6.56
CA SER C 1 8.06 13.09 -5.47
C SER C 1 6.98 12.68 -4.52
N ILE C 2 7.02 11.44 -4.04
CA ILE C 2 6.01 10.90 -3.14
C ILE C 2 5.53 11.94 -2.12
N SER C 3 6.48 12.55 -1.42
CA SER C 3 6.26 13.56 -0.38
C SER C 3 5.86 14.94 -0.88
N SER C 4 6.23 15.25 -2.13
CA SER C 4 5.88 16.47 -2.84
C SER C 4 4.38 16.47 -2.78
N ARG C 5 3.94 15.64 -3.74
CA ARG C 5 2.57 15.32 -4.06
C ARG C 5 1.72 15.30 -2.81
N VAL C 6 2.15 14.45 -1.83
CA VAL C 6 1.47 14.34 -0.54
C VAL C 6 1.27 15.73 0.02
N LYS C 7 2.37 16.43 0.31
CA LYS C 7 2.30 17.78 0.81
C LYS C 7 1.33 18.62 0.03
N SER C 8 1.61 18.78 -1.25
CA SER C 8 0.73 19.57 -2.07
C SER C 8 -0.77 19.25 -1.94
N LYS C 9 -1.19 18.04 -1.65
CA LYS C 9 -2.63 17.94 -1.56
C LYS C 9 -3.16 18.52 -0.28
N ARG C 10 -2.48 18.17 0.79
CA ARG C 10 -2.92 18.68 2.04
C ARG C 10 -3.08 20.17 2.07
N ILE C 11 -2.13 20.88 1.49
CA ILE C 11 -2.32 22.30 1.49
C ILE C 11 -3.59 22.63 0.71
N GLN C 12 -3.72 21.98 -0.45
CA GLN C 12 -4.87 22.12 -1.33
C GLN C 12 -6.12 22.06 -0.47
N LEU C 13 -6.45 20.79 -0.10
CA LEU C 13 -7.56 20.28 0.72
C LEU C 13 -7.83 21.09 2.01
N GLY C 14 -6.90 22.00 2.34
CA GLY C 14 -7.01 22.90 3.50
C GLY C 14 -6.63 22.41 4.89
N LEU C 15 -6.10 21.19 5.02
CA LEU C 15 -5.77 20.70 6.35
C LEU C 15 -4.35 20.86 6.63
N ASN C 16 -4.05 20.73 7.88
CA ASN C 16 -2.69 20.82 8.16
C ASN C 16 -2.26 19.37 8.26
N GLN C 17 -1.08 19.15 8.87
CA GLN C 17 -0.48 17.84 9.11
C GLN C 17 -1.41 16.99 9.99
N ALA C 18 -1.46 17.21 11.32
CA ALA C 18 -2.31 16.52 12.34
C ALA C 18 -3.63 15.98 11.80
N GLU C 19 -4.48 17.00 11.46
CA GLU C 19 -5.83 16.93 10.91
C GLU C 19 -5.85 15.65 10.20
N LEU C 20 -5.47 15.83 8.95
CA LEU C 20 -5.27 14.81 7.99
C LEU C 20 -4.74 13.58 8.66
N ALA C 21 -3.70 13.73 9.51
CA ALA C 21 -3.21 12.54 10.18
C ALA C 21 -4.37 11.86 10.89
N GLN C 22 -5.06 12.57 11.80
CA GLN C 22 -6.22 12.15 12.60
C GLN C 22 -7.40 11.62 11.74
N LYS C 23 -7.26 12.03 10.49
CA LYS C 23 -8.09 11.77 9.33
C LYS C 23 -7.69 10.45 8.67
N VAL C 24 -6.35 10.25 8.48
CA VAL C 24 -5.68 9.07 7.89
C VAL C 24 -5.56 7.92 8.89
N GLY C 25 -5.71 8.31 10.17
CA GLY C 25 -5.70 7.43 11.34
C GLY C 25 -4.33 7.23 11.94
N THR C 26 -3.42 8.05 11.44
CA THR C 26 -2.03 7.99 11.82
C THR C 26 -1.57 8.95 12.93
N THR C 27 -0.49 9.70 12.62
CA THR C 27 0.17 10.68 13.49
C THR C 27 0.80 11.82 12.76
N GLN C 28 0.72 12.93 13.46
CA GLN C 28 1.30 14.15 13.05
C GLN C 28 2.73 13.86 12.69
N GLN C 29 3.38 13.00 13.48
CA GLN C 29 4.78 12.64 13.29
C GLN C 29 5.06 11.71 12.14
N SER C 30 3.98 11.12 11.66
CA SER C 30 4.06 10.20 10.57
C SER C 30 3.83 10.92 9.28
N ILE C 31 3.04 11.94 9.37
CA ILE C 31 2.75 12.71 8.20
C ILE C 31 3.97 13.53 7.82
N GLU C 32 4.88 13.63 8.76
CA GLU C 32 6.14 14.33 8.66
C GLU C 32 7.23 13.41 8.04
N GLN C 33 7.29 12.16 8.49
CA GLN C 33 8.31 11.28 7.94
C GLN C 33 8.08 11.06 6.49
N LEU C 34 6.82 10.88 6.19
CA LEU C 34 6.53 10.71 4.82
C LEU C 34 6.87 12.04 4.11
N GLU C 35 5.98 13.05 4.29
CA GLU C 35 6.10 14.41 3.73
C GLU C 35 7.54 14.86 3.57
N ASN C 36 8.33 14.58 4.59
CA ASN C 36 9.73 14.96 4.61
C ASN C 36 10.69 13.80 4.21
N GLY C 37 10.40 13.15 3.09
CA GLY C 37 11.20 12.06 2.56
C GLY C 37 11.74 11.06 3.59
N LYS C 38 11.20 11.10 4.79
CA LYS C 38 11.68 10.17 5.79
C LYS C 38 10.98 8.81 5.73
N THR C 39 9.91 8.72 4.93
CA THR C 39 9.19 7.46 4.70
C THR C 39 8.85 7.23 3.23
N LYS C 40 8.91 6.00 2.71
CA LYS C 40 8.58 5.77 1.30
C LYS C 40 7.33 4.93 1.17
N ARG C 41 7.34 3.81 1.88
CA ARG C 41 6.19 2.93 1.83
C ARG C 41 5.45 2.76 3.18
N PRO C 42 4.57 3.74 3.49
CA PRO C 42 3.77 3.77 4.71
C PRO C 42 2.74 2.67 4.87
N ARG C 43 2.54 2.24 6.11
CA ARG C 43 1.56 1.22 6.37
C ARG C 43 0.19 1.83 6.20
N PHE C 44 0.13 3.10 5.80
CA PHE C 44 -1.12 3.79 5.58
C PHE C 44 -1.17 4.31 4.19
N LEU C 45 -0.29 3.78 3.27
CA LEU C 45 -0.32 4.26 1.91
C LEU C 45 -1.75 4.27 1.53
N PRO C 46 -2.36 3.11 1.59
CA PRO C 46 -3.75 3.00 1.26
C PRO C 46 -4.75 3.82 2.05
N GLU C 47 -4.70 3.74 3.35
CA GLU C 47 -5.67 4.45 4.09
C GLU C 47 -5.63 5.98 3.87
N LEU C 48 -4.46 6.42 3.35
CA LEU C 48 -4.11 7.83 3.02
C LEU C 48 -4.63 8.31 1.67
N ALA C 49 -4.59 7.43 0.67
CA ALA C 49 -5.03 7.85 -0.63
C ALA C 49 -6.52 8.04 -0.67
N SER C 50 -7.22 7.43 0.24
CA SER C 50 -8.64 7.62 0.22
C SER C 50 -8.92 8.90 0.94
N ALA C 51 -8.16 9.02 2.03
CA ALA C 51 -8.20 10.19 2.83
C ALA C 51 -7.81 11.18 1.75
N LEU C 52 -6.53 11.24 1.40
CA LEU C 52 -6.05 12.10 0.32
C LEU C 52 -6.93 12.07 -0.99
N GLY C 53 -7.95 11.22 -1.02
CA GLY C 53 -8.89 11.10 -2.15
C GLY C 53 -8.31 11.08 -3.57
N VAL C 54 -7.08 10.61 -3.72
CA VAL C 54 -6.41 10.47 -5.01
C VAL C 54 -6.05 8.99 -5.10
N SER C 55 -5.35 8.53 -6.18
CA SER C 55 -4.93 7.12 -6.41
C SER C 55 -3.55 6.72 -5.86
N VAL C 56 -3.53 5.57 -5.19
CA VAL C 56 -2.35 4.96 -4.60
C VAL C 56 -1.21 4.87 -5.61
N ASP C 57 -1.57 4.68 -6.88
CA ASP C 57 -0.54 4.66 -7.88
C ASP C 57 -0.09 6.07 -7.77
N TRP C 58 -0.94 7.02 -8.14
CA TRP C 58 -0.63 8.44 -8.00
C TRP C 58 0.27 8.82 -6.84
N LEU C 59 0.10 8.26 -5.62
CA LEU C 59 1.07 8.67 -4.63
C LEU C 59 2.45 8.25 -5.09
N LEU C 60 2.78 6.97 -5.19
CA LEU C 60 4.10 6.63 -5.73
C LEU C 60 4.39 7.12 -7.13
N ASN C 61 3.80 6.50 -8.14
CA ASN C 61 4.16 7.01 -9.43
C ASN C 61 3.68 8.39 -9.77
N GLY C 62 2.53 8.81 -9.23
CA GLY C 62 2.04 10.13 -9.58
C GLY C 62 1.79 9.99 -11.04
N THR C 63 1.12 8.85 -11.26
CA THR C 63 0.77 8.31 -12.55
C THR C 63 -0.46 7.39 -12.46
N SER D 1 -9.03 -13.01 4.24
CA SER D 1 -8.01 -12.25 4.94
C SER D 1 -7.03 -11.71 3.91
N ILE D 2 -5.89 -11.12 4.22
CA ILE D 2 -5.18 -10.69 3.02
C ILE D 2 -4.33 -11.83 2.53
N SER D 3 -4.01 -12.62 3.54
CA SER D 3 -3.23 -13.82 3.45
C SER D 3 -4.01 -14.88 2.73
N SER D 4 -5.29 -14.93 2.96
CA SER D 4 -5.89 -16.01 2.25
C SER D 4 -6.19 -15.67 0.82
N ARG D 5 -6.97 -14.59 0.63
CA ARG D 5 -7.36 -14.05 -0.67
C ARG D 5 -6.19 -14.23 -1.63
N VAL D 6 -5.03 -13.78 -1.17
CA VAL D 6 -3.82 -13.89 -1.95
C VAL D 6 -3.55 -15.33 -2.46
N LYS D 7 -3.49 -16.32 -1.54
CA LYS D 7 -3.26 -17.75 -1.85
C LYS D 7 -4.23 -18.34 -2.84
N SER D 8 -5.48 -17.97 -2.72
CA SER D 8 -6.42 -18.51 -3.63
C SER D 8 -6.16 -17.80 -4.94
N LYS D 9 -6.02 -16.48 -4.84
CA LYS D 9 -5.72 -15.69 -6.02
C LYS D 9 -4.53 -16.14 -6.82
N ARG D 10 -3.42 -16.24 -6.11
CA ARG D 10 -2.19 -16.68 -6.70
C ARG D 10 -2.35 -18.05 -7.33
N ILE D 11 -3.47 -18.70 -7.05
CA ILE D 11 -3.69 -19.99 -7.63
C ILE D 11 -4.55 -19.98 -8.88
N GLN D 12 -5.61 -19.13 -8.91
CA GLN D 12 -6.40 -19.06 -10.13
C GLN D 12 -5.49 -18.60 -11.22
N LEU D 13 -4.28 -18.28 -10.89
CA LEU D 13 -3.45 -17.92 -11.95
C LEU D 13 -2.34 -18.94 -12.15
N GLY D 14 -2.33 -19.99 -11.32
CA GLY D 14 -1.33 -21.07 -11.41
C GLY D 14 0.04 -20.79 -10.80
N LEU D 15 0.44 -19.54 -10.77
CA LEU D 15 1.71 -19.14 -10.21
C LEU D 15 1.98 -19.76 -8.84
N ASN D 16 3.15 -20.37 -8.67
CA ASN D 16 3.45 -20.91 -7.36
C ASN D 16 4.00 -19.74 -6.64
N GLN D 17 4.24 -19.86 -5.34
CA GLN D 17 4.85 -18.72 -4.72
C GLN D 17 6.19 -18.38 -5.32
N ALA D 18 6.99 -19.32 -5.77
CA ALA D 18 8.24 -18.82 -6.30
C ALA D 18 8.18 -17.87 -7.53
N GLU D 19 7.15 -17.97 -8.42
CA GLU D 19 7.04 -17.11 -9.61
C GLU D 19 6.25 -15.84 -9.43
N LEU D 20 5.42 -15.90 -8.39
CA LEU D 20 4.57 -14.84 -7.92
C LEU D 20 5.50 -13.72 -7.52
N ALA D 21 6.41 -14.12 -6.66
CA ALA D 21 7.39 -13.21 -6.17
C ALA D 21 8.15 -12.68 -7.36
N GLN D 22 8.62 -13.57 -8.22
CA GLN D 22 9.38 -13.21 -9.42
C GLN D 22 8.83 -11.96 -10.10
N LYS D 23 7.50 -11.94 -10.13
CA LYS D 23 6.65 -10.91 -10.68
C LYS D 23 6.52 -9.66 -9.79
N VAL D 24 6.40 -9.76 -8.46
CA VAL D 24 6.35 -8.48 -7.73
C VAL D 24 7.79 -7.93 -7.68
N GLY D 25 8.78 -8.82 -7.88
CA GLY D 25 10.19 -8.48 -7.78
C GLY D 25 10.49 -8.50 -6.27
N THR D 26 10.55 -9.71 -5.67
CA THR D 26 10.76 -9.89 -4.23
C THR D 26 10.90 -11.40 -3.89
N THR D 27 11.52 -11.76 -2.77
CA THR D 27 11.77 -13.15 -2.35
C THR D 27 10.66 -14.20 -2.41
N GLN D 28 11.02 -15.45 -2.21
CA GLN D 28 9.97 -16.42 -2.21
C GLN D 28 9.38 -16.42 -0.82
N GLN D 29 10.25 -16.08 0.11
CA GLN D 29 9.99 -16.05 1.54
C GLN D 29 8.83 -15.18 1.89
N SER D 30 9.03 -13.89 1.53
CA SER D 30 8.18 -12.73 1.66
C SER D 30 6.82 -13.01 1.10
N ILE D 31 6.77 -13.72 -0.03
CA ILE D 31 5.45 -14.02 -0.54
C ILE D 31 4.80 -15.02 0.42
N GLU D 32 5.63 -15.92 0.97
CA GLU D 32 5.17 -16.94 1.90
C GLU D 32 4.54 -16.36 3.13
N GLN D 33 5.38 -15.80 3.99
CA GLN D 33 4.98 -15.16 5.22
C GLN D 33 3.65 -14.42 5.09
N LEU D 34 3.48 -13.76 3.95
CA LEU D 34 2.25 -13.06 3.74
C LEU D 34 1.08 -14.05 3.79
N GLU D 35 1.05 -15.02 2.87
CA GLU D 35 0.00 -16.04 2.84
C GLU D 35 -0.24 -16.66 4.18
N ASN D 36 0.88 -17.02 4.83
CA ASN D 36 0.98 -17.67 6.13
C ASN D 36 0.51 -16.83 7.31
N GLY D 37 0.15 -15.60 7.08
CA GLY D 37 -0.32 -14.80 8.19
C GLY D 37 0.76 -14.22 9.07
N LYS D 38 1.97 -14.22 8.62
CA LYS D 38 2.98 -13.66 9.48
C LYS D 38 3.46 -12.24 9.08
N THR D 39 2.59 -11.42 8.39
CA THR D 39 2.75 -10.00 7.87
C THR D 39 1.39 -9.47 7.40
N LYS D 40 1.07 -8.27 7.85
CA LYS D 40 -0.21 -7.67 7.52
C LYS D 40 -0.13 -6.70 6.36
N ARG D 41 1.01 -6.07 6.19
CA ARG D 41 1.07 -5.09 5.14
C ARG D 41 2.40 -4.91 4.46
N PRO D 42 2.65 -5.93 3.72
CA PRO D 42 3.80 -6.04 2.90
C PRO D 42 4.01 -4.76 2.11
N ARG D 43 5.18 -4.17 2.28
CA ARG D 43 5.53 -2.94 1.60
C ARG D 43 5.31 -3.03 0.12
N PHE D 44 5.24 -4.25 -0.37
CA PHE D 44 5.05 -4.46 -1.76
C PHE D 44 3.60 -4.62 -2.18
N LEU D 45 2.69 -4.27 -1.24
CA LEU D 45 1.23 -4.32 -1.38
C LEU D 45 0.65 -3.74 -2.68
N PRO D 46 1.30 -2.75 -3.33
CA PRO D 46 0.69 -2.35 -4.57
C PRO D 46 1.31 -3.12 -5.67
N GLU D 47 2.41 -3.80 -5.38
CA GLU D 47 3.01 -4.52 -6.45
C GLU D 47 2.44 -5.83 -6.71
N LEU D 48 1.83 -6.33 -5.65
CA LEU D 48 1.21 -7.59 -5.77
C LEU D 48 -0.23 -7.48 -6.10
N ALA D 49 -0.81 -6.32 -5.93
CA ALA D 49 -2.17 -6.31 -6.36
C ALA D 49 -2.18 -6.25 -7.89
N SER D 50 -1.15 -5.64 -8.56
CA SER D 50 -1.07 -5.59 -10.05
C SER D 50 -1.10 -7.02 -10.51
N ALA D 51 -0.10 -7.72 -10.03
CA ALA D 51 0.10 -9.12 -10.26
C ALA D 51 -1.25 -9.86 -10.18
N LEU D 52 -1.82 -10.10 -8.98
CA LEU D 52 -3.13 -10.77 -8.90
C LEU D 52 -4.14 -10.09 -9.81
N GLY D 53 -3.85 -8.81 -10.01
CA GLY D 53 -4.68 -8.00 -10.88
C GLY D 53 -6.02 -7.74 -10.28
N VAL D 54 -6.00 -7.43 -9.00
CA VAL D 54 -7.15 -7.07 -8.21
C VAL D 54 -6.71 -5.77 -7.61
N SER D 55 -7.57 -5.04 -6.97
CA SER D 55 -7.11 -3.78 -6.44
C SER D 55 -6.81 -3.84 -4.98
N VAL D 56 -5.74 -3.22 -4.51
CA VAL D 56 -5.41 -3.21 -3.09
C VAL D 56 -6.53 -3.28 -2.06
N ASP D 57 -7.57 -2.41 -2.23
CA ASP D 57 -8.70 -2.41 -1.31
C ASP D 57 -9.09 -3.90 -1.25
N TRP D 58 -9.74 -4.46 -2.31
CA TRP D 58 -10.14 -5.90 -2.40
C TRP D 58 -9.23 -6.89 -1.71
N LEU D 59 -7.94 -6.69 -1.91
CA LEU D 59 -6.94 -7.54 -1.34
C LEU D 59 -7.00 -7.32 0.17
N LEU D 60 -6.94 -6.05 0.55
CA LEU D 60 -6.95 -5.64 1.95
C LEU D 60 -8.20 -6.03 2.76
N ASN D 61 -9.39 -5.69 2.27
CA ASN D 61 -10.64 -5.91 2.99
C ASN D 61 -11.55 -7.02 2.49
N GLY D 62 -11.08 -7.54 1.37
CA GLY D 62 -11.75 -8.59 0.67
C GLY D 62 -13.05 -8.09 0.11
N THR D 63 -13.42 -6.81 0.39
CA THR D 63 -14.69 -6.23 -0.08
C THR D 63 -15.85 -7.25 0.10
#